data_7V8X
#
_entry.id   7V8X
#
_cell.length_a   144.773
_cell.length_b   144.773
_cell.length_c   144.773
_cell.angle_alpha   90.000
_cell.angle_beta   90.000
_cell.angle_gamma   90.000
#
_symmetry.space_group_name_H-M   'P 41 3 2'
#
loop_
_entity.id
_entity.type
_entity.pdbx_description
1 polymer esterase
2 non-polymer 'phenylmethanesulfonic acid'
3 water water
#
_entity_poly.entity_id   1
_entity_poly.type   'polypeptide(L)'
_entity_poly.pdbx_seq_one_letter_code
;MGNAVVVKKDFRIDLENELFIRGEVTLVEDQIKKPVLVISHGFRGYKDWGFWPYVAAWFAERGFYVVHFDFSRVGALNSG
ADEASVQKLSTVSRELSDLDAILSNLREHRLPLAEQAETERISLLGHSRAGGSNIIFAAEHSYIGSVIAWNGGPPPKAAA
GNPNPFINDDVEHNKQRFDTARLLASLTAPVLIIQGGKDREALLEGQQLLKEAAPNQTYISIPDADHSFGGEHPFHHTTP
YLEEALEVTHSFITKHYLEHHHHHH
;
_entity_poly.pdbx_strand_id   A
#
# COMPACT_ATOMS: atom_id res chain seq x y z
N ALA A 4 -8.75 6.64 -24.55
CA ALA A 4 -9.21 6.58 -23.16
C ALA A 4 -9.22 5.13 -22.68
N VAL A 5 -8.22 4.33 -23.08
CA VAL A 5 -8.25 2.88 -22.95
C VAL A 5 -7.23 2.45 -21.89
N VAL A 6 -7.69 1.61 -20.97
CA VAL A 6 -6.93 1.23 -19.78
C VAL A 6 -6.53 -0.22 -19.95
N VAL A 7 -5.26 -0.47 -20.09
CA VAL A 7 -4.80 -1.83 -20.24
C VAL A 7 -4.38 -2.34 -18.87
N LYS A 8 -4.73 -3.58 -18.62
CA LYS A 8 -4.32 -4.32 -17.44
C LYS A 8 -3.46 -5.47 -17.96
N LYS A 9 -2.28 -5.63 -17.38
CA LYS A 9 -1.35 -6.66 -17.83
C LYS A 9 -0.99 -7.46 -16.61
N ASP A 10 -1.38 -8.72 -16.60
CA ASP A 10 -1.07 -9.63 -15.49
C ASP A 10 0.43 -9.92 -15.43
N PHE A 11 0.90 -10.24 -14.23
CA PHE A 11 2.26 -10.73 -14.10
C PHE A 11 2.34 -11.58 -12.84
N ARG A 12 3.38 -12.41 -12.81
CA ARG A 12 3.66 -13.31 -11.70
C ARG A 12 5.15 -13.25 -11.42
N ILE A 13 5.49 -12.87 -10.20
CA ILE A 13 6.86 -12.91 -9.71
C ILE A 13 6.99 -14.21 -8.93
N ASP A 14 7.98 -15.02 -9.28
CA ASP A 14 8.23 -16.23 -8.52
C ASP A 14 9.27 -15.95 -7.45
N LEU A 15 8.98 -16.37 -6.23
CA LEU A 15 9.79 -16.20 -5.04
C LEU A 15 10.33 -17.57 -4.60
N GLU A 16 10.90 -17.59 -3.39
CA GLU A 16 11.55 -18.82 -2.86
C GLU A 16 10.56 -19.95 -2.62
N ASN A 17 11.07 -21.17 -2.43
CA ASN A 17 10.21 -22.35 -2.21
C ASN A 17 9.22 -22.41 -3.37
N GLU A 18 7.92 -22.32 -3.06
CA GLU A 18 6.91 -22.30 -4.15
C GLU A 18 6.12 -21.00 -4.03
N LEU A 19 6.70 -19.97 -3.41
CA LEU A 19 5.96 -18.75 -3.18
C LEU A 19 5.92 -17.91 -4.45
N PHE A 20 4.93 -17.02 -4.51
CA PHE A 20 4.81 -16.14 -5.66
C PHE A 20 3.97 -14.94 -5.29
N ILE A 21 4.01 -13.94 -6.18
CA ILE A 21 3.20 -12.73 -6.11
C ILE A 21 2.50 -12.58 -7.45
N ARG A 22 1.18 -12.52 -7.44
CA ARG A 22 0.41 -12.19 -8.64
C ARG A 22 0.01 -10.73 -8.57
N GLY A 23 0.13 -10.05 -9.70
CA GLY A 23 -0.22 -8.65 -9.71
C GLY A 23 -0.59 -8.22 -11.11
N GLU A 24 -0.93 -6.94 -11.21
CA GLU A 24 -1.28 -6.31 -12.47
C GLU A 24 -0.61 -4.95 -12.58
N VAL A 25 -0.26 -4.62 -13.82
CA VAL A 25 0.06 -3.26 -14.22
C VAL A 25 -1.17 -2.68 -14.89
N THR A 26 -1.57 -1.50 -14.46
CA THR A 26 -2.73 -0.83 -14.98
C THR A 26 -2.26 0.51 -15.48
N LEU A 27 -2.60 0.83 -16.72
CA LEU A 27 -1.91 1.91 -17.40
C LEU A 27 -2.74 2.35 -18.59
N VAL A 28 -2.74 3.64 -18.89
CA VAL A 28 -3.23 4.12 -20.17
C VAL A 28 -2.01 4.38 -21.02
N GLU A 29 -1.83 3.59 -22.09
CA GLU A 29 -0.59 3.67 -22.88
C GLU A 29 -0.57 4.95 -23.69
N ASP A 30 0.33 5.84 -23.34
CA ASP A 30 0.78 6.92 -24.21
C ASP A 30 2.25 6.63 -24.44
N GLN A 31 2.96 7.53 -25.06
CA GLN A 31 4.32 7.07 -25.33
C GLN A 31 5.29 7.66 -24.35
N ILE A 32 4.85 7.80 -23.10
CA ILE A 32 5.55 8.60 -22.11
C ILE A 32 5.66 7.84 -20.79
N LYS A 33 6.79 8.02 -20.12
CA LYS A 33 6.95 7.50 -18.77
C LYS A 33 6.01 8.22 -17.81
N LYS A 34 5.37 7.45 -16.94
CA LYS A 34 4.34 8.01 -16.08
C LYS A 34 4.71 7.69 -14.63
N PRO A 35 4.38 8.57 -13.70
CA PRO A 35 4.70 8.31 -12.30
C PRO A 35 4.08 7.01 -11.84
N VAL A 36 4.75 6.34 -10.91
CA VAL A 36 4.36 4.99 -10.51
C VAL A 36 3.63 5.06 -9.19
N LEU A 37 2.54 4.29 -9.09
CA LEU A 37 1.81 4.03 -7.86
C LEU A 37 1.83 2.53 -7.60
N VAL A 38 2.38 2.14 -6.48
CA VAL A 38 2.39 0.75 -6.08
C VAL A 38 1.44 0.62 -4.92
N ILE A 39 0.49 -0.30 -5.04
CA ILE A 39 -0.61 -0.43 -4.10
C ILE A 39 -0.43 -1.72 -3.34
N SER A 40 -0.34 -1.63 -2.02
CA SER A 40 -0.37 -2.80 -1.15
C SER A 40 -1.76 -2.93 -0.56
N HIS A 41 -2.38 -4.11 -0.71
CA HIS A 41 -3.72 -4.25 -0.18
C HIS A 41 -3.69 -4.48 1.34
N GLY A 42 -4.86 -4.70 1.96
CA GLY A 42 -4.90 -4.95 3.42
C GLY A 42 -4.71 -6.41 3.80
N PHE A 43 -4.48 -6.71 5.09
CA PHE A 43 -4.17 -8.11 5.52
C PHE A 43 -5.39 -9.02 5.45
N ARG A 44 -6.57 -8.45 5.26
CA ARG A 44 -7.75 -9.33 5.03
C ARG A 44 -8.09 -9.23 3.54
N GLY A 45 -7.42 -8.34 2.80
CA GLY A 45 -7.78 -8.12 1.39
C GLY A 45 -6.93 -8.85 0.38
N TYR A 46 -7.14 -8.54 -0.91
CA TYR A 46 -6.41 -9.16 -2.03
C TYR A 46 -6.60 -8.25 -3.25
N LYS A 47 -5.86 -8.54 -4.32
CA LYS A 47 -5.73 -7.57 -5.42
C LYS A 47 -7.03 -7.35 -6.19
N ASP A 48 -7.96 -8.32 -6.19
CA ASP A 48 -9.21 -8.16 -6.92
C ASP A 48 -10.39 -7.87 -6.01
N TRP A 49 -10.11 -7.78 -4.72
CA TRP A 49 -11.17 -7.50 -3.74
C TRP A 49 -11.66 -6.07 -3.85
N GLY A 50 -12.97 -5.90 -3.85
CA GLY A 50 -13.51 -4.57 -3.65
C GLY A 50 -13.00 -3.52 -4.60
N PHE A 51 -12.48 -2.43 -4.04
CA PHE A 51 -12.21 -1.24 -4.82
C PHE A 51 -10.82 -1.22 -5.47
N TRP A 52 -10.01 -2.27 -5.28
CA TRP A 52 -8.66 -2.22 -5.83
C TRP A 52 -8.65 -2.15 -7.35
N PRO A 53 -9.42 -2.98 -8.08
CA PRO A 53 -9.55 -2.75 -9.54
C PRO A 53 -9.98 -1.34 -9.87
N TYR A 54 -11.00 -0.86 -9.16
CA TYR A 54 -11.47 0.49 -9.42
C TYR A 54 -10.39 1.51 -9.11
N VAL A 55 -9.68 1.35 -7.98
CA VAL A 55 -8.71 2.36 -7.59
C VAL A 55 -7.56 2.40 -8.59
N ALA A 56 -7.03 1.23 -8.94
CA ALA A 56 -5.99 1.12 -9.96
C ALA A 56 -6.39 1.81 -11.26
N ALA A 57 -7.58 1.49 -11.76
CA ALA A 57 -8.07 2.11 -12.99
C ALA A 57 -8.27 3.61 -12.82
N TRP A 58 -8.77 4.03 -11.67
CA TRP A 58 -8.98 5.46 -11.41
C TRP A 58 -7.67 6.23 -11.58
N PHE A 59 -6.62 5.73 -10.93
CA PHE A 59 -5.32 6.39 -11.03
C PHE A 59 -4.73 6.28 -12.45
N ALA A 60 -4.85 5.10 -13.08
CA ALA A 60 -4.35 4.96 -14.44
C ALA A 60 -4.98 5.98 -15.37
N GLU A 61 -6.29 6.18 -15.22
CA GLU A 61 -6.98 7.21 -15.99
C GLU A 61 -6.43 8.58 -15.67
N ARG A 62 -5.90 8.77 -14.46
CA ARG A 62 -5.43 10.09 -14.08
C ARG A 62 -3.91 10.17 -14.04
N GLY A 63 -3.24 9.46 -14.96
CA GLY A 63 -1.86 9.75 -15.29
C GLY A 63 -0.79 8.83 -14.73
N PHE A 64 -1.17 7.70 -14.13
CA PHE A 64 -0.22 6.90 -13.39
C PHE A 64 0.01 5.54 -14.05
N TYR A 65 1.21 5.03 -13.85
CA TYR A 65 1.53 3.63 -14.05
C TYR A 65 1.28 2.96 -12.71
N VAL A 66 0.26 2.10 -12.62
CA VAL A 66 -0.22 1.60 -11.36
C VAL A 66 0.16 0.14 -11.28
N VAL A 67 0.75 -0.27 -10.16
CA VAL A 67 1.04 -1.66 -9.90
C VAL A 67 0.25 -2.04 -8.66
N HIS A 68 -0.50 -3.13 -8.73
CA HIS A 68 -1.03 -3.68 -7.49
C HIS A 68 -0.92 -5.18 -7.56
N PHE A 69 -0.86 -5.80 -6.39
CA PHE A 69 -0.41 -7.17 -6.31
C PHE A 69 -0.99 -7.82 -5.07
N ASP A 70 -0.95 -9.15 -5.03
CA ASP A 70 -1.27 -9.92 -3.83
C ASP A 70 0.02 -10.17 -3.06
N PHE A 71 0.01 -9.88 -1.76
CA PHE A 71 1.09 -10.40 -0.93
C PHE A 71 1.21 -11.90 -1.13
N SER A 72 2.41 -12.44 -0.89
CA SER A 72 2.64 -13.83 -1.23
C SER A 72 1.92 -14.79 -0.29
N ARG A 73 1.50 -14.30 0.89
CA ARG A 73 0.65 -15.11 1.76
C ARG A 73 -0.70 -15.39 1.11
N VAL A 74 -1.19 -14.48 0.28
CA VAL A 74 -2.45 -14.71 -0.43
C VAL A 74 -2.31 -15.89 -1.39
N GLY A 75 -1.23 -15.90 -2.17
CA GLY A 75 -0.98 -17.06 -3.02
C GLY A 75 -0.69 -18.31 -2.22
N ALA A 76 -0.13 -18.14 -1.01
CA ALA A 76 0.12 -19.30 -0.16
C ALA A 76 -1.19 -19.94 0.26
N LEU A 77 -2.14 -19.13 0.72
CA LEU A 77 -3.44 -19.64 1.10
C LEU A 77 -4.14 -20.26 -0.10
N ASN A 78 -4.17 -19.55 -1.24
CA ASN A 78 -4.85 -20.08 -2.41
C ASN A 78 -4.16 -21.31 -2.98
N SER A 79 -2.92 -21.60 -2.58
CA SER A 79 -2.24 -22.80 -3.04
C SER A 79 -2.36 -23.97 -2.08
N GLY A 80 -3.11 -23.79 -0.98
CA GLY A 80 -3.35 -24.87 -0.05
C GLY A 80 -2.28 -25.07 0.99
N ALA A 81 -1.63 -23.99 1.43
CA ALA A 81 -0.61 -24.09 2.46
C ALA A 81 -1.26 -24.20 3.84
N ASP A 82 -0.60 -24.93 4.72
CA ASP A 82 -1.15 -25.20 6.05
C ASP A 82 -0.97 -23.99 6.96
N GLU A 83 -1.88 -23.87 7.93
CA GLU A 83 -2.10 -22.62 8.63
C GLU A 83 -0.84 -22.04 9.26
N ALA A 84 0.09 -22.90 9.68
CA ALA A 84 1.35 -22.43 10.22
C ALA A 84 2.12 -21.61 9.19
N SER A 85 2.14 -22.08 7.94
CA SER A 85 2.90 -21.42 6.89
C SER A 85 2.32 -20.06 6.54
N VAL A 86 0.99 -19.98 6.39
CA VAL A 86 0.33 -18.71 6.16
C VAL A 86 0.58 -17.75 7.32
N GLN A 87 0.54 -18.27 8.54
CA GLN A 87 0.83 -17.45 9.71
C GLN A 87 2.22 -16.85 9.62
N LYS A 88 3.20 -17.69 9.23
CA LYS A 88 4.57 -17.21 9.10
C LYS A 88 4.67 -16.15 8.00
N LEU A 89 3.99 -16.36 6.87
CA LEU A 89 3.98 -15.41 5.76
C LEU A 89 3.12 -14.19 6.00
N SER A 90 2.53 -14.02 7.19
CA SER A 90 1.66 -12.88 7.45
C SER A 90 2.33 -11.81 8.30
N THR A 91 3.65 -11.87 8.44
CA THR A 91 4.41 -10.91 9.24
C THR A 91 4.67 -9.61 8.45
N VAL A 92 4.98 -8.55 9.19
CA VAL A 92 5.37 -7.29 8.56
C VAL A 92 6.68 -7.48 7.79
N SER A 93 7.63 -8.21 8.37
CA SER A 93 8.87 -8.51 7.66
C SER A 93 8.60 -9.17 6.31
N ARG A 94 7.64 -10.09 6.27
CA ARG A 94 7.28 -10.69 5.00
C ARG A 94 6.71 -9.66 4.03
N GLU A 95 5.93 -8.70 4.54
CA GLU A 95 5.38 -7.68 3.65
C GLU A 95 6.48 -6.79 3.10
N LEU A 96 7.43 -6.36 3.94
CA LEU A 96 8.57 -5.60 3.48
C LEU A 96 9.33 -6.35 2.40
N SER A 97 9.58 -7.64 2.64
CA SER A 97 10.28 -8.49 1.67
C SER A 97 9.51 -8.65 0.35
N ASP A 98 8.20 -8.87 0.42
CA ASP A 98 7.38 -8.94 -0.80
C ASP A 98 7.43 -7.63 -1.56
N LEU A 99 7.31 -6.52 -0.82
CA LEU A 99 7.41 -5.20 -1.40
C LEU A 99 8.75 -5.02 -2.08
N ASP A 100 9.83 -5.60 -1.49
CA ASP A 100 11.16 -5.53 -2.09
C ASP A 100 11.24 -6.35 -3.37
N ALA A 101 10.48 -7.45 -3.47
CA ALA A 101 10.40 -8.15 -4.76
C ALA A 101 9.71 -7.31 -5.83
N ILE A 102 8.61 -6.63 -5.47
CA ILE A 102 7.83 -5.87 -6.46
C ILE A 102 8.63 -4.67 -6.97
N LEU A 103 9.17 -3.85 -6.05
CA LEU A 103 9.97 -2.69 -6.45
C LEU A 103 11.22 -3.12 -7.22
N SER A 104 11.88 -4.21 -6.83
CA SER A 104 13.02 -4.68 -7.62
C SER A 104 12.61 -4.99 -9.06
N ASN A 105 11.54 -5.77 -9.24
CA ASN A 105 11.15 -6.09 -10.61
C ASN A 105 10.72 -4.86 -11.38
N LEU A 106 10.13 -3.87 -10.71
CA LEU A 106 9.74 -2.66 -11.40
C LEU A 106 10.97 -1.84 -11.81
N ARG A 107 11.87 -1.63 -10.86
CA ARG A 107 13.05 -0.81 -11.09
C ARG A 107 13.94 -1.44 -12.15
N GLU A 108 14.03 -2.77 -12.15
CA GLU A 108 14.76 -3.51 -13.17
C GLU A 108 13.99 -3.64 -14.47
N HIS A 109 12.85 -2.97 -14.58
CA HIS A 109 12.07 -2.95 -15.82
C HIS A 109 11.64 -4.34 -16.28
N ARG A 110 11.35 -5.24 -15.32
CA ARG A 110 10.87 -6.58 -15.62
C ARG A 110 9.34 -6.70 -15.65
N LEU A 111 8.58 -5.73 -15.13
CA LEU A 111 7.13 -5.79 -15.15
C LEU A 111 6.59 -5.33 -16.51
N PRO A 112 5.38 -5.77 -16.89
CA PRO A 112 4.85 -5.42 -18.20
C PRO A 112 4.85 -3.93 -18.41
N LEU A 113 5.17 -3.50 -19.63
CA LEU A 113 5.05 -2.11 -20.05
C LEU A 113 5.98 -1.19 -19.27
N ALA A 114 7.05 -1.74 -18.71
CA ALA A 114 7.89 -1.01 -17.78
C ALA A 114 8.60 0.17 -18.44
N GLU A 115 8.66 0.20 -19.77
CA GLU A 115 9.24 1.34 -20.46
C GLU A 115 8.41 2.60 -20.25
N GLN A 116 7.13 2.45 -19.89
CA GLN A 116 6.24 3.58 -19.65
C GLN A 116 6.10 3.88 -18.17
N ALA A 117 6.96 3.30 -17.34
CA ALA A 117 7.02 3.60 -15.92
C ALA A 117 8.16 4.58 -15.64
N GLU A 118 7.88 5.61 -14.86
CA GLU A 118 8.89 6.58 -14.50
C GLU A 118 9.35 6.23 -13.10
N THR A 119 10.36 5.37 -13.01
CA THR A 119 10.87 4.95 -11.72
C THR A 119 11.54 6.09 -10.94
N GLU A 120 11.72 7.29 -11.52
CA GLU A 120 12.17 8.40 -10.68
C GLU A 120 11.05 9.02 -9.85
N ARG A 121 9.77 8.67 -10.08
CA ARG A 121 8.65 9.17 -9.28
C ARG A 121 7.77 7.98 -8.83
N ILE A 122 8.18 7.30 -7.75
CA ILE A 122 7.45 6.16 -7.20
C ILE A 122 6.77 6.59 -5.91
N SER A 123 5.46 6.36 -5.82
CA SER A 123 4.73 6.51 -4.57
C SER A 123 4.18 5.17 -4.13
N LEU A 124 3.95 5.03 -2.83
CA LEU A 124 3.31 3.85 -2.28
C LEU A 124 1.94 4.22 -1.72
N LEU A 125 0.97 3.31 -1.88
CA LEU A 125 -0.35 3.41 -1.27
C LEU A 125 -0.60 2.12 -0.50
N GLY A 126 -0.89 2.24 0.79
CA GLY A 126 -1.09 1.11 1.64
C GLY A 126 -2.39 1.22 2.41
N HIS A 127 -3.02 0.07 2.63
CA HIS A 127 -4.31 -0.06 3.29
C HIS A 127 -4.13 -0.85 4.59
N SER A 128 -4.55 -0.24 5.69
CA SER A 128 -4.89 -0.83 6.98
C SER A 128 -3.69 -1.25 7.82
N ARG A 129 -2.79 -2.05 7.27
CA ARG A 129 -1.57 -2.38 7.99
C ARG A 129 -0.41 -2.33 7.02
N ALA A 130 -0.77 -2.49 5.75
CA ALA A 130 0.12 -2.10 4.69
C ALA A 130 0.41 -0.61 4.74
N GLY A 131 -0.47 0.19 5.34
CA GLY A 131 -0.11 1.58 5.61
C GLY A 131 1.15 1.68 6.45
N GLY A 132 1.21 0.90 7.54
CA GLY A 132 2.42 0.84 8.33
C GLY A 132 3.61 0.24 7.59
N SER A 133 3.44 -0.92 6.97
CA SER A 133 4.61 -1.56 6.38
C SER A 133 5.13 -0.76 5.19
N ASN A 134 4.24 -0.05 4.52
CA ASN A 134 4.63 0.85 3.46
C ASN A 134 5.40 2.03 4.02
N ILE A 135 4.97 2.59 5.16
CA ILE A 135 5.74 3.69 5.75
C ILE A 135 7.13 3.21 6.08
N ILE A 136 7.25 2.01 6.65
CA ILE A 136 8.55 1.46 6.99
C ILE A 136 9.41 1.31 5.74
N PHE A 137 8.86 0.67 4.70
CA PHE A 137 9.62 0.47 3.47
C PHE A 137 10.05 1.79 2.85
N ALA A 138 9.16 2.77 2.85
CA ALA A 138 9.50 4.09 2.34
C ALA A 138 10.68 4.69 3.11
N ALA A 139 10.60 4.65 4.45
CA ALA A 139 11.66 5.20 5.30
C ALA A 139 13.01 4.56 4.99
N GLU A 140 13.03 3.28 4.64
CA GLU A 140 14.26 2.54 4.42
C GLU A 140 14.72 2.55 2.97
N HIS A 141 14.06 3.28 2.08
CA HIS A 141 14.44 3.23 0.68
C HIS A 141 14.36 4.61 0.07
N SER A 142 15.45 5.01 -0.60
CA SER A 142 15.59 6.38 -1.04
C SER A 142 14.78 6.70 -2.28
N TYR A 143 14.41 5.69 -3.05
CA TYR A 143 13.68 5.88 -4.29
C TYR A 143 12.17 5.91 -4.11
N ILE A 144 11.66 5.84 -2.88
CA ILE A 144 10.24 6.03 -2.62
C ILE A 144 10.02 7.52 -2.34
N GLY A 145 9.37 8.22 -3.26
CA GLY A 145 9.25 9.66 -3.07
C GLY A 145 8.11 10.13 -2.18
N SER A 146 7.13 9.28 -1.91
CA SER A 146 5.97 9.69 -1.12
C SER A 146 5.14 8.46 -0.82
N VAL A 147 4.41 8.50 0.28
CA VAL A 147 3.61 7.36 0.68
C VAL A 147 2.30 7.84 1.32
N ILE A 148 1.22 7.12 1.04
CA ILE A 148 -0.11 7.43 1.53
C ILE A 148 -0.64 6.19 2.22
N ALA A 149 -1.15 6.36 3.44
CA ALA A 149 -1.78 5.26 4.19
C ALA A 149 -3.27 5.55 4.32
N TRP A 150 -4.07 4.55 3.98
CA TRP A 150 -5.52 4.62 4.14
C TRP A 150 -5.86 3.80 5.37
N ASN A 151 -6.34 4.48 6.42
CA ASN A 151 -6.80 3.84 7.66
C ASN A 151 -5.74 2.89 8.21
N GLY A 152 -4.50 3.37 8.21
CA GLY A 152 -3.38 2.65 8.79
C GLY A 152 -2.25 3.63 9.02
N GLY A 153 -1.13 3.10 9.50
CA GLY A 153 0.03 3.92 9.71
C GLY A 153 0.74 3.80 11.05
N PRO A 154 0.00 3.63 12.14
CA PRO A 154 0.64 3.45 13.45
C PRO A 154 1.43 2.16 13.50
N PRO A 155 2.33 2.01 14.46
CA PRO A 155 3.30 0.89 14.44
C PRO A 155 2.59 -0.45 14.51
N PRO A 156 3.12 -1.46 13.80
CA PRO A 156 2.60 -2.83 13.98
C PRO A 156 2.52 -3.25 15.43
N LYS A 157 1.31 -3.43 15.94
CA LYS A 157 1.08 -4.11 17.22
C LYS A 157 0.63 -5.53 16.93
N ASN A 162 -1.54 -12.45 19.81
CA ASN A 162 -2.27 -12.82 18.62
C ASN A 162 -2.40 -14.34 18.54
N PRO A 163 -3.39 -14.83 17.81
CA PRO A 163 -3.33 -16.23 17.38
C PRO A 163 -2.06 -16.52 16.58
N ASN A 164 -1.40 -15.47 16.06
CA ASN A 164 -0.21 -15.59 15.22
C ASN A 164 1.06 -15.40 16.06
N PRO A 165 1.76 -16.47 16.44
CA PRO A 165 3.03 -16.30 17.16
C PRO A 165 4.11 -15.63 16.33
N PHE A 166 4.10 -15.85 15.01
CA PHE A 166 5.15 -15.30 14.16
C PHE A 166 5.11 -13.78 14.15
N ILE A 167 3.91 -13.21 14.12
CA ILE A 167 3.75 -11.77 14.28
C ILE A 167 4.28 -11.31 15.63
N ASN A 168 3.99 -12.08 16.70
CA ASN A 168 4.50 -11.73 18.03
C ASN A 168 6.01 -11.66 18.02
N ASP A 169 6.66 -12.70 17.51
CA ASP A 169 8.12 -12.73 17.43
C ASP A 169 8.65 -11.57 16.58
N ASP A 170 8.00 -11.31 15.43
CA ASP A 170 8.48 -10.27 14.51
C ASP A 170 8.44 -8.88 15.14
N VAL A 171 7.30 -8.50 15.70
CA VAL A 171 7.20 -7.21 16.37
C VAL A 171 8.17 -7.15 17.55
N GLU A 172 8.33 -8.27 18.26
CA GLU A 172 9.22 -8.33 19.41
C GLU A 172 10.68 -8.07 19.03
N HIS A 173 11.10 -8.62 17.90
CA HIS A 173 12.47 -8.48 17.44
C HIS A 173 12.68 -7.30 16.51
N ASN A 174 11.65 -6.47 16.27
CA ASN A 174 11.82 -5.29 15.42
C ASN A 174 11.12 -4.07 16.02
N LYS A 175 11.16 -3.94 17.35
CA LYS A 175 10.53 -2.78 17.99
C LYS A 175 11.11 -1.48 17.45
N GLN A 176 12.44 -1.41 17.37
CA GLN A 176 13.10 -0.23 16.80
C GLN A 176 12.70 -0.03 15.35
N ARG A 177 12.87 -1.07 14.53
CA ARG A 177 12.74 -0.94 13.08
C ARG A 177 11.34 -0.51 12.67
N PHE A 178 10.30 -0.98 13.36
CA PHE A 178 8.93 -0.75 12.92
C PHE A 178 8.23 0.40 13.66
N ASP A 179 8.95 1.16 14.49
CA ASP A 179 8.32 2.27 15.20
C ASP A 179 8.02 3.38 14.20
N THR A 180 6.79 3.42 13.69
CA THR A 180 6.51 4.35 12.60
C THR A 180 6.32 5.79 13.07
N ALA A 181 6.11 6.02 14.38
CA ALA A 181 6.11 7.40 14.87
C ALA A 181 7.51 8.00 14.74
N ARG A 182 8.52 7.24 15.16
CA ARG A 182 9.91 7.65 14.96
C ARG A 182 10.21 7.87 13.47
N LEU A 183 9.88 6.88 12.64
CA LEU A 183 10.13 6.99 11.21
C LEU A 183 9.45 8.22 10.60
N LEU A 184 8.18 8.44 10.94
CA LEU A 184 7.45 9.56 10.36
C LEU A 184 8.09 10.89 10.78
N ALA A 185 8.56 10.96 12.04
CA ALA A 185 9.17 12.21 12.50
C ALA A 185 10.47 12.49 11.76
N SER A 186 11.29 11.46 11.50
CA SER A 186 12.58 11.73 10.88
C SER A 186 12.57 11.68 9.34
N LEU A 187 11.54 11.13 8.71
CA LEU A 187 11.52 10.97 7.25
C LEU A 187 11.29 12.31 6.56
N THR A 188 12.15 12.64 5.59
CA THR A 188 11.99 13.90 4.87
C THR A 188 11.01 13.81 3.71
N ALA A 189 10.65 12.61 3.26
CA ALA A 189 9.68 12.48 2.18
C ALA A 189 8.24 12.66 2.68
N PRO A 190 7.36 13.21 1.85
CA PRO A 190 6.00 13.47 2.32
C PRO A 190 5.17 12.20 2.54
N VAL A 191 4.42 12.21 3.65
CA VAL A 191 3.51 11.13 4.00
C VAL A 191 2.13 11.74 4.23
N LEU A 192 1.11 11.18 3.57
CA LEU A 192 -0.30 11.50 3.81
C LEU A 192 -0.94 10.34 4.53
N ILE A 193 -1.65 10.63 5.62
CA ILE A 193 -2.43 9.62 6.32
C ILE A 193 -3.88 10.04 6.31
N ILE A 194 -4.72 9.23 5.67
CA ILE A 194 -6.17 9.41 5.65
C ILE A 194 -6.78 8.42 6.62
N GLN A 195 -7.60 8.93 7.54
CA GLN A 195 -8.28 8.08 8.52
C GLN A 195 -9.76 8.43 8.54
N GLY A 196 -10.60 7.41 8.35
CA GLY A 196 -12.05 7.60 8.48
C GLY A 196 -12.45 7.65 9.95
N GLY A 197 -13.38 8.57 10.26
CA GLY A 197 -13.75 8.79 11.66
C GLY A 197 -14.48 7.61 12.29
N LYS A 198 -15.43 7.02 11.57
CA LYS A 198 -16.18 5.85 12.03
C LYS A 198 -15.31 4.60 11.92
N ASP A 199 -14.28 4.53 12.75
CA ASP A 199 -13.41 3.36 12.76
C ASP A 199 -13.03 3.05 14.20
N ARG A 200 -12.46 1.85 14.39
CA ARG A 200 -12.15 1.33 15.71
C ARG A 200 -11.40 2.37 16.55
N GLU A 201 -11.73 2.41 17.84
CA GLU A 201 -11.25 3.47 18.73
C GLU A 201 -9.74 3.40 18.91
N ALA A 202 -9.18 2.18 19.02
CA ALA A 202 -7.75 2.02 19.23
C ALA A 202 -6.97 2.63 18.08
N LEU A 203 -7.48 2.48 16.86
CA LEU A 203 -6.78 3.05 15.70
C LEU A 203 -6.85 4.57 15.71
N LEU A 204 -7.98 5.15 16.13
CA LEU A 204 -8.06 6.62 16.20
C LEU A 204 -7.12 7.18 17.27
N GLU A 205 -6.92 6.44 18.36
CA GLU A 205 -5.94 6.85 19.36
C GLU A 205 -4.51 6.70 18.85
N GLY A 206 -4.20 5.58 18.18
CA GLY A 206 -2.88 5.44 17.56
C GLY A 206 -2.62 6.50 16.50
N GLN A 207 -3.66 6.86 15.73
CA GLN A 207 -3.55 7.92 14.74
C GLN A 207 -3.26 9.26 15.39
N GLN A 208 -3.95 9.57 16.50
CA GLN A 208 -3.62 10.80 17.21
C GLN A 208 -2.20 10.76 17.76
N LEU A 209 -1.76 9.61 18.27
CA LEU A 209 -0.38 9.49 18.73
C LEU A 209 0.58 9.82 17.60
N LEU A 210 0.34 9.24 16.42
CA LEU A 210 1.20 9.48 15.28
C LEU A 210 1.20 10.96 14.91
N LYS A 211 0.02 11.58 14.85
CA LYS A 211 -0.06 12.99 14.49
C LYS A 211 0.70 13.87 15.49
N GLU A 212 0.70 13.49 16.78
CA GLU A 212 1.51 14.23 17.74
C GLU A 212 2.99 14.01 17.51
N ALA A 213 3.40 12.75 17.27
CA ALA A 213 4.81 12.43 17.10
C ALA A 213 5.43 13.16 15.91
N ALA A 214 4.69 13.32 14.82
CA ALA A 214 5.24 13.82 13.57
C ALA A 214 4.31 14.84 12.94
N PRO A 215 4.15 16.00 13.57
CA PRO A 215 3.28 17.04 13.00
C PRO A 215 3.80 17.62 11.71
N ASN A 216 5.00 17.23 11.25
CA ASN A 216 5.49 17.66 9.94
C ASN A 216 4.61 17.09 8.82
N GLN A 217 4.14 15.85 8.96
CA GLN A 217 3.42 15.14 7.91
C GLN A 217 1.98 15.65 7.74
N THR A 218 1.20 14.97 6.90
CA THR A 218 -0.14 15.39 6.53
C THR A 218 -1.14 14.36 7.03
N TYR A 219 -2.19 14.84 7.71
CA TYR A 219 -3.19 13.97 8.31
C TYR A 219 -4.58 14.48 7.94
N ILE A 220 -5.34 13.65 7.21
CA ILE A 220 -6.68 14.00 6.77
C ILE A 220 -7.65 13.02 7.40
N SER A 221 -8.80 13.52 7.84
CA SER A 221 -9.82 12.68 8.47
C SER A 221 -11.10 12.78 7.67
N ILE A 222 -11.66 11.63 7.30
CA ILE A 222 -12.97 11.62 6.63
C ILE A 222 -13.97 11.16 7.67
N PRO A 223 -14.77 12.09 8.22
CA PRO A 223 -15.44 11.81 9.51
C PRO A 223 -16.40 10.62 9.49
N ASP A 224 -17.26 10.51 8.47
CA ASP A 224 -18.33 9.51 8.45
C ASP A 224 -17.95 8.26 7.65
N ALA A 225 -16.68 7.86 7.65
CA ALA A 225 -16.17 6.79 6.79
C ALA A 225 -15.72 5.60 7.62
N ASP A 226 -16.06 4.40 7.17
CA ASP A 226 -15.67 3.21 7.92
C ASP A 226 -14.25 2.80 7.50
N HIS A 227 -13.80 1.64 7.97
CA HIS A 227 -12.43 1.22 7.73
C HIS A 227 -12.12 1.05 6.26
N SER A 228 -13.15 0.93 5.41
CA SER A 228 -12.94 0.67 3.99
C SER A 228 -13.59 1.71 3.09
N PHE A 229 -13.98 2.87 3.64
CA PHE A 229 -14.70 3.90 2.89
C PHE A 229 -15.97 3.35 2.22
N GLY A 230 -16.52 2.27 2.75
CA GLY A 230 -17.73 1.69 2.21
C GLY A 230 -17.52 0.91 0.93
N GLY A 231 -16.29 0.52 0.64
CA GLY A 231 -15.97 -0.16 -0.59
C GLY A 231 -15.72 -1.64 -0.40
N GLU A 232 -16.49 -2.22 0.53
CA GLU A 232 -16.40 -3.69 0.77
C GLU A 232 -16.85 -4.41 -0.50
N HIS A 233 -16.43 -5.67 -0.68
CA HIS A 233 -16.70 -6.37 -1.93
C HIS A 233 -18.14 -6.89 -2.03
N PRO A 234 -18.74 -6.94 -3.24
CA PRO A 234 -18.25 -6.54 -4.56
C PRO A 234 -18.29 -5.05 -4.80
N PHE A 235 -17.73 -4.61 -5.89
CA PHE A 235 -17.69 -3.18 -6.15
C PHE A 235 -18.73 -2.82 -7.20
N HIS A 236 -19.96 -2.61 -6.76
CA HIS A 236 -21.01 -2.23 -7.69
C HIS A 236 -20.92 -0.76 -8.08
N HIS A 237 -20.38 0.08 -7.20
CA HIS A 237 -20.34 1.50 -7.47
C HIS A 237 -19.45 2.15 -6.44
N THR A 238 -18.99 3.36 -6.74
CA THR A 238 -18.19 4.09 -5.79
C THR A 238 -19.09 4.74 -4.73
N THR A 239 -18.45 5.23 -3.66
CA THR A 239 -19.08 5.89 -2.54
C THR A 239 -18.52 7.30 -2.38
N PRO A 240 -19.23 8.20 -1.69
CA PRO A 240 -18.67 9.54 -1.48
C PRO A 240 -17.35 9.55 -0.73
N TYR A 241 -17.17 8.63 0.21
CA TYR A 241 -15.95 8.61 1.00
C TYR A 241 -14.78 8.07 0.20
N LEU A 242 -15.00 7.02 -0.60
CA LEU A 242 -13.94 6.56 -1.50
C LEU A 242 -13.53 7.66 -2.47
N GLU A 243 -14.49 8.35 -3.09
CA GLU A 243 -14.13 9.40 -4.03
C GLU A 243 -13.39 10.52 -3.32
N GLU A 244 -13.72 10.80 -2.06
CA GLU A 244 -12.93 11.83 -1.40
C GLU A 244 -11.51 11.35 -1.12
N ALA A 245 -11.37 10.10 -0.63
CA ALA A 245 -10.04 9.56 -0.41
C ALA A 245 -9.20 9.63 -1.68
N LEU A 246 -9.81 9.29 -2.82
CA LEU A 246 -9.07 9.30 -4.08
C LEU A 246 -8.69 10.71 -4.48
N GLU A 247 -9.65 11.64 -4.42
CA GLU A 247 -9.33 13.00 -4.84
C GLU A 247 -8.27 13.62 -3.91
N VAL A 248 -8.30 13.28 -2.62
CA VAL A 248 -7.31 13.79 -1.68
C VAL A 248 -5.93 13.22 -1.97
N THR A 249 -5.84 11.88 -2.14
CA THR A 249 -4.56 11.24 -2.46
C THR A 249 -3.99 11.79 -3.77
N HIS A 250 -4.85 12.02 -4.77
CA HIS A 250 -4.38 12.57 -6.02
C HIS A 250 -3.86 13.99 -5.85
N SER A 251 -4.61 14.85 -5.14
CA SER A 251 -4.11 16.19 -4.86
C SER A 251 -2.78 16.17 -4.12
N PHE A 252 -2.62 15.19 -3.22
CA PHE A 252 -1.42 15.16 -2.37
C PHE A 252 -0.19 14.79 -3.18
N ILE A 253 -0.27 13.69 -3.96
CA ILE A 253 0.85 13.31 -4.82
C ILE A 253 1.12 14.41 -5.84
N THR A 254 0.06 15.04 -6.34
CA THR A 254 0.20 16.16 -7.25
C THR A 254 1.05 17.26 -6.65
N LYS A 255 0.63 17.81 -5.50
CA LYS A 255 1.33 18.98 -4.99
C LYS A 255 2.75 18.60 -4.58
N HIS A 256 2.97 17.45 -3.97
CA HIS A 256 4.34 17.09 -3.60
C HIS A 256 5.13 16.48 -4.77
N TYR A 257 4.67 16.65 -6.00
CA TYR A 257 5.47 16.19 -7.16
C TYR A 257 6.33 17.37 -7.61
N LEU A 258 5.70 18.53 -7.72
CA LEU A 258 6.42 19.75 -8.14
C LEU A 258 6.88 20.48 -6.87
N GLU A 259 7.64 19.77 -6.03
CA GLU A 259 8.19 20.36 -4.79
C GLU A 259 9.46 19.57 -4.46
#